data_8PA8
#
_entry.id   8PA8
#
_cell.length_a   39.380
_cell.length_b   67.740
_cell.length_c   40.270
_cell.angle_alpha   90.000
_cell.angle_beta   93.560
_cell.angle_gamma   90.000
#
_symmetry.space_group_name_H-M   'P 1 21 1'
#
loop_
_entity.id
_entity.type
_entity.pdbx_description
1 polymer 'Beta-lactamase VIM-1'
2 non-polymer 'ZINC ION'
3 non-polymer '7-[(1~{S})-1-[4-(3-azanylpropyl)-1,2,3-triazol-1-yl]ethyl]-3-[3-chloranyl-4-(methylsulfonylmethyl)phenyl]-1~{H}-indole-2-carboxylic acid'
4 water water
#
_entity_poly.entity_id   1
_entity_poly.type   'polypeptide(L)'
_entity_poly.pdbx_seq_one_letter_code
;MLKVISSLLVYMTASVMAVASPLAHSGEPSGEYPTVNEIPVGEVRLYQIADGVWSHIATQSFDGAVYPSNGLIVRDGDEL
LLIDTAWGAKNTAALLAEIEKQIGLPVTRAVSTHFHDDRVGGVDVLRAAGVATYASPSTRRLAEAEGNEIPTHSLEGLSS
SGDAVRFGPVELFYPGAAHSTDNLVVYVPSANVLYGGCAVHELSSTSAGNVADADLAEWPTSVERIQKHYPEAEVVIPGH
GLPGGLDLLQHTANVVKAHKNRSVAE
;
_entity_poly.pdbx_strand_id   A
#
loop_
_chem_comp.id
_chem_comp.type
_chem_comp.name
_chem_comp.formula
XLZ non-polymer '7-[(1~{S})-1-[4-(3-azanylpropyl)-1,2,3-triazol-1-yl]ethyl]-3-[3-chloranyl-4-(methylsulfonylmethyl)phenyl]-1~{H}-indole-2-carboxylic acid' 'C24 H26 Cl N5 O4 S'
ZN non-polymer 'ZINC ION' 'Zn 2'
#
# COMPACT_ATOMS: atom_id res chain seq x y z
N SER A 30 7.20 -19.59 7.59
CA SER A 30 7.11 -20.01 8.98
C SER A 30 7.47 -18.87 9.95
N GLY A 31 6.87 -17.70 9.75
CA GLY A 31 7.02 -16.58 10.65
C GLY A 31 7.87 -15.44 10.12
N GLU A 32 8.81 -15.71 9.22
CA GLU A 32 9.56 -14.61 8.60
C GLU A 32 8.67 -13.89 7.60
N TYR A 33 9.04 -12.65 7.29
CA TYR A 33 8.23 -11.88 6.33
C TYR A 33 8.34 -12.55 4.97
N PRO A 34 7.23 -12.83 4.29
CA PRO A 34 7.34 -13.61 3.06
C PRO A 34 7.87 -12.80 1.90
N THR A 35 8.65 -13.47 1.05
N THR A 35 8.54 -13.51 1.00
CA THR A 35 9.40 -12.87 -0.03
CA THR A 35 9.05 -13.02 -0.26
C THR A 35 8.86 -13.34 -1.37
C THR A 35 8.40 -13.82 -1.39
N VAL A 36 9.32 -12.68 -2.44
N VAL A 36 8.79 -13.49 -2.63
CA VAL A 36 8.72 -12.87 -3.76
CA VAL A 36 8.20 -14.14 -3.80
C VAL A 36 8.85 -14.33 -4.21
C VAL A 36 8.35 -15.66 -3.72
N ASN A 37 10.01 -14.95 -4.02
N ASN A 37 9.41 -16.14 -3.06
CA ASN A 37 10.18 -16.34 -4.45
CA ASN A 37 9.71 -17.57 -3.07
C ASN A 37 9.38 -17.32 -3.61
C ASN A 37 8.83 -18.38 -2.13
N GLU A 38 8.81 -16.86 -2.49
N GLU A 38 8.10 -17.72 -1.23
CA GLU A 38 8.05 -17.72 -1.60
CA GLU A 38 7.27 -18.41 -0.24
C GLU A 38 6.54 -17.64 -1.81
C GLU A 38 5.78 -18.25 -0.53
N ILE A 39 6.07 -16.75 -2.67
N ILE A 39 5.42 -17.58 -1.61
CA ILE A 39 4.64 -16.59 -2.93
CA ILE A 39 4.03 -17.31 -1.95
C ILE A 39 4.38 -16.77 -4.42
C ILE A 39 3.64 -18.24 -3.10
N PRO A 40 3.76 -17.87 -4.85
N PRO A 40 2.93 -19.34 -2.83
CA PRO A 40 3.40 -17.98 -6.27
CA PRO A 40 2.42 -20.20 -3.91
C PRO A 40 2.37 -16.93 -6.63
C PRO A 40 1.78 -19.40 -5.03
N VAL A 41 2.41 -16.51 -7.89
N VAL A 41 1.68 -19.99 -6.22
CA VAL A 41 1.41 -15.55 -8.36
CA VAL A 41 1.22 -19.26 -7.39
C VAL A 41 0.04 -16.20 -8.24
C VAL A 41 -0.21 -18.77 -7.17
N GLY A 42 -0.86 -15.54 -7.52
N GLY A 42 -0.44 -17.49 -7.46
CA GLY A 42 -2.21 -16.02 -7.28
CA GLY A 42 -1.75 -16.89 -7.34
C GLY A 42 -2.50 -16.35 -5.83
C GLY A 42 -2.28 -16.84 -5.92
N GLU A 43 -1.46 -16.54 -5.01
N GLU A 43 -1.37 -16.74 -4.95
CA GLU A 43 -1.61 -16.81 -3.59
CA GLU A 43 -1.70 -16.87 -3.54
C GLU A 43 -1.36 -15.52 -2.81
C GLU A 43 -1.41 -15.56 -2.83
N VAL A 44 -1.97 -15.43 -1.63
CA VAL A 44 -1.78 -14.27 -0.76
C VAL A 44 -1.44 -14.75 0.62
N ARG A 45 -0.49 -14.05 1.25
N ARG A 45 -0.48 -14.08 1.25
CA ARG A 45 -0.13 -14.29 2.63
CA ARG A 45 -0.16 -14.32 2.64
C ARG A 45 -0.46 -13.07 3.47
C ARG A 45 -0.39 -13.08 3.49
N LEU A 46 -0.78 -13.32 4.74
CA LEU A 46 -0.93 -12.26 5.72
C LEU A 46 0.22 -12.34 6.73
N TYR A 47 0.58 -11.21 7.31
CA TYR A 47 1.64 -11.11 8.30
C TYR A 47 1.15 -10.20 9.40
N GLN A 48 1.15 -10.70 10.62
CA GLN A 48 0.69 -9.88 11.75
C GLN A 48 1.76 -8.84 12.08
N ILE A 49 1.38 -7.58 12.04
CA ILE A 49 2.31 -6.48 12.33
C ILE A 49 2.19 -6.03 13.78
N ALA A 50 0.97 -5.95 14.30
CA ALA A 50 0.66 -5.47 15.64
C ALA A 50 -0.75 -5.96 15.96
N ASP A 51 -1.20 -5.71 17.18
CA ASP A 51 -2.58 -6.04 17.52
CA ASP A 51 -2.58 -6.05 17.52
C ASP A 51 -3.54 -5.36 16.55
N GLY A 52 -4.34 -6.15 15.85
CA GLY A 52 -5.30 -5.62 14.89
C GLY A 52 -4.72 -5.00 13.65
N VAL A 53 -3.47 -5.28 13.32
CA VAL A 53 -2.84 -4.76 12.12
C VAL A 53 -2.10 -5.90 11.43
N TRP A 54 -2.39 -6.13 10.16
CA TRP A 54 -1.71 -7.11 9.34
C TRP A 54 -1.26 -6.43 8.06
N SER A 55 -0.20 -6.95 7.48
CA SER A 55 0.04 -6.66 6.07
C SER A 55 -0.44 -7.85 5.25
N HIS A 56 -0.72 -7.59 3.97
CA HIS A 56 -1.00 -8.63 3.01
C HIS A 56 0.08 -8.57 1.93
N ILE A 57 0.52 -9.72 1.46
CA ILE A 57 1.61 -9.84 0.51
C ILE A 57 1.14 -10.73 -0.63
N ALA A 58 1.33 -10.25 -1.84
CA ALA A 58 0.99 -11.00 -3.03
C ALA A 58 2.08 -10.76 -4.06
N THR A 59 2.02 -11.51 -5.15
CA THR A 59 3.01 -11.38 -6.20
CA THR A 59 3.02 -11.42 -6.20
C THR A 59 2.31 -11.28 -7.54
N GLN A 60 2.94 -10.58 -8.47
CA GLN A 60 2.33 -10.40 -9.77
C GLN A 60 3.43 -10.22 -10.80
N SER A 61 3.10 -10.60 -12.03
N SER A 61 3.10 -10.55 -12.04
CA SER A 61 3.97 -10.43 -13.17
CA SER A 61 4.02 -10.44 -13.15
C SER A 61 3.66 -9.09 -13.82
C SER A 61 3.68 -9.18 -13.95
N PHE A 62 4.70 -8.39 -14.26
CA PHE A 62 4.55 -7.10 -14.93
C PHE A 62 5.73 -6.95 -15.87
N ASP A 63 5.44 -6.79 -17.16
CA ASP A 63 6.48 -6.62 -18.17
C ASP A 63 7.53 -7.72 -18.08
N GLY A 64 7.08 -8.93 -17.75
CA GLY A 64 7.97 -10.08 -17.82
C GLY A 64 8.83 -10.29 -16.61
N ALA A 65 8.52 -9.65 -15.49
CA ALA A 65 9.23 -9.92 -14.24
C ALA A 65 8.19 -10.04 -13.14
N VAL A 66 8.54 -10.76 -12.08
CA VAL A 66 7.65 -11.02 -10.96
C VAL A 66 8.07 -10.16 -9.78
N TYR A 67 7.10 -9.51 -9.15
CA TYR A 67 7.34 -8.60 -8.06
C TYR A 67 6.41 -8.90 -6.90
N PRO A 68 6.86 -8.74 -5.67
CA PRO A 68 5.94 -8.76 -4.52
C PRO A 68 5.33 -7.38 -4.33
N SER A 69 4.26 -7.36 -3.53
N SER A 69 4.20 -7.34 -3.63
CA SER A 69 3.58 -6.11 -3.22
CA SER A 69 3.65 -6.07 -3.20
C SER A 69 2.84 -6.25 -1.91
C SER A 69 2.90 -6.25 -1.90
N ASN A 70 2.88 -5.18 -1.10
CA ASN A 70 2.23 -5.16 0.19
C ASN A 70 0.95 -4.33 0.18
N GLY A 71 0.06 -4.67 1.08
CA GLY A 71 -1.04 -3.83 1.50
C GLY A 71 -1.23 -3.96 3.00
N LEU A 72 -2.30 -3.37 3.52
CA LEU A 72 -2.53 -3.37 4.96
C LEU A 72 -3.97 -3.75 5.28
N ILE A 73 -4.17 -4.37 6.44
CA ILE A 73 -5.50 -4.69 6.98
C ILE A 73 -5.51 -4.18 8.41
N VAL A 74 -6.55 -3.43 8.76
CA VAL A 74 -6.64 -2.84 10.10
C VAL A 74 -8.00 -3.16 10.69
N ARG A 75 -8.01 -3.77 11.88
N ARG A 75 -8.01 -3.76 11.88
CA ARG A 75 -9.25 -4.08 12.55
CA ARG A 75 -9.26 -4.08 12.53
C ARG A 75 -9.99 -2.79 12.88
C ARG A 75 -10.00 -2.81 12.92
N ASP A 76 -11.29 -2.81 12.64
CA ASP A 76 -12.18 -1.64 12.79
C ASP A 76 -13.39 -2.15 13.57
N GLY A 77 -13.17 -2.43 14.85
CA GLY A 77 -14.19 -3.06 15.68
C GLY A 77 -14.41 -4.52 15.33
N ASP A 78 -15.62 -4.85 14.87
CA ASP A 78 -15.90 -6.17 14.32
C ASP A 78 -15.87 -6.18 12.80
N GLU A 79 -15.25 -5.18 12.18
CA GLU A 79 -15.08 -5.12 10.74
C GLU A 79 -13.61 -4.87 10.44
N LEU A 80 -13.25 -4.92 9.16
CA LEU A 80 -11.88 -4.66 8.72
C LEU A 80 -11.85 -3.55 7.69
N LEU A 81 -10.81 -2.73 7.77
CA LEU A 81 -10.45 -1.75 6.76
C LEU A 81 -9.28 -2.32 5.97
N LEU A 82 -9.40 -2.33 4.65
CA LEU A 82 -8.35 -2.81 3.76
C LEU A 82 -7.65 -1.60 3.15
N ILE A 83 -6.33 -1.63 3.12
CA ILE A 83 -5.55 -0.64 2.40
C ILE A 83 -4.89 -1.36 1.23
N ASP A 84 -5.28 -0.97 0.01
CA ASP A 84 -4.74 -1.46 -1.25
C ASP A 84 -5.17 -2.87 -1.61
N THR A 85 -5.39 -3.08 -2.90
CA THR A 85 -5.71 -4.42 -3.39
C THR A 85 -4.45 -5.26 -3.38
N ALA A 86 -4.60 -6.52 -3.79
CA ALA A 86 -3.49 -7.43 -3.92
C ALA A 86 -2.95 -7.53 -5.34
N TRP A 87 -3.11 -6.49 -6.14
CA TRP A 87 -2.51 -6.39 -7.48
C TRP A 87 -3.12 -7.41 -8.42
N GLY A 88 -4.41 -7.24 -8.70
CA GLY A 88 -5.10 -8.05 -9.69
C GLY A 88 -6.37 -8.63 -9.13
N ALA A 89 -7.30 -8.94 -10.04
CA ALA A 89 -8.59 -9.50 -9.65
C ALA A 89 -8.46 -10.85 -8.95
N LYS A 90 -7.73 -11.78 -9.57
N LYS A 90 -7.72 -11.78 -9.55
CA LYS A 90 -7.57 -13.10 -8.96
CA LYS A 90 -7.58 -13.10 -8.95
C LYS A 90 -6.84 -13.01 -7.63
C LYS A 90 -6.81 -13.04 -7.64
N ASN A 91 -5.75 -12.22 -7.58
CA ASN A 91 -5.05 -12.05 -6.31
C ASN A 91 -5.97 -11.47 -5.25
N THR A 92 -6.82 -10.51 -5.62
CA THR A 92 -7.66 -9.86 -4.63
C THR A 92 -8.77 -10.81 -4.16
N ALA A 93 -9.29 -11.67 -5.04
CA ALA A 93 -10.20 -12.71 -4.57
C ALA A 93 -9.49 -13.63 -3.58
N ALA A 94 -8.24 -13.99 -3.86
CA ALA A 94 -7.48 -14.83 -2.95
C ALA A 94 -7.21 -14.11 -1.63
N LEU A 95 -7.00 -12.79 -1.68
CA LEU A 95 -6.85 -12.00 -0.46
C LEU A 95 -8.10 -12.09 0.41
N LEU A 96 -9.27 -11.90 -0.19
CA LEU A 96 -10.50 -12.00 0.60
C LEU A 96 -10.66 -13.38 1.22
N ALA A 97 -10.29 -14.42 0.47
CA ALA A 97 -10.39 -15.78 1.02
C ALA A 97 -9.40 -15.99 2.16
N GLU A 98 -8.20 -15.45 2.03
CA GLU A 98 -7.21 -15.56 3.10
C GLU A 98 -7.66 -14.81 4.35
N ILE A 99 -8.26 -13.62 4.18
CA ILE A 99 -8.78 -12.88 5.33
C ILE A 99 -9.87 -13.69 6.02
N GLU A 100 -10.76 -14.30 5.26
CA GLU A 100 -11.82 -15.09 5.88
C GLU A 100 -11.25 -16.27 6.65
N LYS A 101 -10.18 -16.89 6.12
CA LYS A 101 -9.55 -18.03 6.77
C LYS A 101 -8.81 -17.63 8.04
N GLN A 102 -8.05 -16.53 7.99
CA GLN A 102 -7.12 -16.19 9.05
C GLN A 102 -7.71 -15.25 10.09
N ILE A 103 -8.67 -14.42 9.71
CA ILE A 103 -9.20 -13.37 10.56
C ILE A 103 -10.69 -13.54 10.82
N GLY A 104 -11.45 -13.76 9.76
CA GLY A 104 -12.85 -14.09 9.91
C GLY A 104 -13.76 -12.93 10.21
N LEU A 105 -13.33 -11.71 9.96
CA LEU A 105 -14.15 -10.51 10.08
C LEU A 105 -14.34 -9.93 8.68
N PRO A 106 -15.49 -9.30 8.43
CA PRO A 106 -15.76 -8.80 7.08
C PRO A 106 -14.98 -7.55 6.76
N VAL A 107 -14.47 -7.50 5.53
CA VAL A 107 -13.89 -6.28 4.97
C VAL A 107 -15.04 -5.41 4.51
N THR A 108 -15.18 -4.22 5.10
CA THR A 108 -16.29 -3.36 4.73
C THR A 108 -15.89 -2.16 3.91
N ARG A 109 -14.63 -1.72 4.02
CA ARG A 109 -14.15 -0.54 3.32
C ARG A 109 -12.73 -0.81 2.87
N ALA A 110 -12.35 -0.18 1.74
CA ALA A 110 -10.99 -0.25 1.24
C ALA A 110 -10.56 1.11 0.74
N VAL A 111 -9.30 1.43 0.95
CA VAL A 111 -8.69 2.67 0.45
C VAL A 111 -7.54 2.26 -0.45
N SER A 112 -7.46 2.87 -1.64
CA SER A 112 -6.31 2.67 -2.53
C SER A 112 -5.42 3.90 -2.43
N THR A 113 -4.12 3.67 -2.22
CA THR A 113 -3.19 4.76 -1.91
C THR A 113 -2.58 5.44 -3.14
N HIS A 114 -2.75 4.89 -4.34
CA HIS A 114 -2.51 5.62 -5.59
C HIS A 114 -3.11 4.81 -6.72
N PHE A 115 -2.90 5.29 -7.94
CA PHE A 115 -3.72 4.84 -9.06
C PHE A 115 -3.16 3.61 -9.79
N HIS A 116 -1.96 3.14 -9.47
CA HIS A 116 -1.39 2.01 -10.20
C HIS A 116 -2.11 0.70 -9.87
N ASP A 117 -1.91 -0.28 -10.75
CA ASP A 117 -2.62 -1.56 -10.66
C ASP A 117 -2.28 -2.35 -9.40
N ASP A 118 -1.11 -2.13 -8.79
CA ASP A 118 -0.81 -2.79 -7.52
C ASP A 118 -1.61 -2.22 -6.34
N ARG A 119 -2.37 -1.15 -6.58
CA ARG A 119 -3.20 -0.52 -5.55
C ARG A 119 -4.68 -0.57 -5.87
N VAL A 120 -5.06 -0.51 -7.15
CA VAL A 120 -6.48 -0.50 -7.54
C VAL A 120 -6.89 -1.75 -8.31
N GLY A 121 -5.94 -2.54 -8.79
CA GLY A 121 -6.31 -3.74 -9.55
C GLY A 121 -6.92 -4.77 -8.63
N GLY A 122 -8.22 -5.05 -8.81
CA GLY A 122 -8.99 -5.81 -7.86
C GLY A 122 -10.10 -5.01 -7.20
N VAL A 123 -10.17 -3.72 -7.45
CA VAL A 123 -11.26 -2.91 -6.92
C VAL A 123 -12.63 -3.43 -7.39
N ASP A 124 -12.72 -3.93 -8.63
CA ASP A 124 -13.98 -4.46 -9.11
C ASP A 124 -14.40 -5.70 -8.33
N VAL A 125 -13.43 -6.58 -8.00
CA VAL A 125 -13.69 -7.73 -7.14
C VAL A 125 -14.18 -7.27 -5.76
N LEU A 126 -13.52 -6.28 -5.18
CA LEU A 126 -13.94 -5.78 -3.88
C LEU A 126 -15.37 -5.25 -3.94
N ARG A 127 -15.64 -4.43 -4.95
N ARG A 127 -15.65 -4.42 -4.93
CA ARG A 127 -16.95 -3.80 -5.09
CA ARG A 127 -16.97 -3.81 -5.03
C ARG A 127 -18.05 -4.84 -5.24
C ARG A 127 -18.05 -4.87 -5.17
N ALA A 128 -17.77 -5.95 -5.92
CA ALA A 128 -18.71 -7.04 -6.07
C ALA A 128 -18.81 -7.94 -4.83
N ALA A 129 -17.90 -7.80 -3.88
CA ALA A 129 -17.94 -8.52 -2.62
C ALA A 129 -18.54 -7.67 -1.50
N GLY A 130 -19.10 -6.51 -1.82
CA GLY A 130 -19.73 -5.67 -0.83
C GLY A 130 -18.82 -4.69 -0.15
N VAL A 131 -17.59 -4.54 -0.61
CA VAL A 131 -16.65 -3.62 -0.01
C VAL A 131 -16.84 -2.24 -0.65
N ALA A 132 -16.93 -1.21 0.20
CA ALA A 132 -16.99 0.17 -0.28
C ALA A 132 -15.55 0.62 -0.54
N THR A 133 -15.28 1.09 -1.74
CA THR A 133 -13.93 1.41 -2.18
C THR A 133 -13.75 2.93 -2.30
N TYR A 134 -12.62 3.40 -1.81
CA TYR A 134 -12.34 4.82 -1.70
C TYR A 134 -10.95 5.14 -2.22
N ALA A 135 -10.78 6.37 -2.73
CA ALA A 135 -9.46 6.90 -3.10
C ALA A 135 -9.63 8.40 -3.25
N SER A 136 -8.52 9.13 -3.23
CA SER A 136 -8.60 10.57 -3.45
C SER A 136 -9.17 10.85 -4.84
N PRO A 137 -9.72 12.05 -5.05
CA PRO A 137 -10.16 12.41 -6.40
C PRO A 137 -9.03 12.36 -7.40
N SER A 138 -7.82 12.69 -6.98
N SER A 138 -7.82 12.72 -6.98
CA SER A 138 -6.68 12.64 -7.89
CA SER A 138 -6.67 12.64 -7.88
C SER A 138 -6.42 11.21 -8.33
C SER A 138 -6.43 11.21 -8.33
N THR A 139 -6.44 10.27 -7.38
CA THR A 139 -6.25 8.88 -7.73
C THR A 139 -7.35 8.38 -8.66
N ARG A 140 -8.59 8.74 -8.37
CA ARG A 140 -9.70 8.31 -9.21
C ARG A 140 -9.55 8.84 -10.65
N ARG A 141 -9.15 10.10 -10.80
N ARG A 141 -9.15 10.10 -10.80
CA ARG A 141 -8.98 10.65 -12.14
CA ARG A 141 -8.98 10.65 -12.15
C ARG A 141 -7.85 9.96 -12.89
C ARG A 141 -7.86 9.94 -12.89
N LEU A 142 -6.75 9.72 -12.20
CA LEU A 142 -5.59 9.08 -12.83
C LEU A 142 -5.88 7.64 -13.20
N ALA A 143 -6.57 6.92 -12.31
CA ALA A 143 -6.93 5.55 -12.64
C ALA A 143 -7.84 5.52 -13.86
N GLU A 144 -8.84 6.39 -13.90
CA GLU A 144 -9.73 6.41 -15.06
C GLU A 144 -8.96 6.68 -16.34
N ALA A 145 -8.04 7.67 -16.32
CA ALA A 145 -7.30 8.01 -17.52
C ALA A 145 -6.37 6.88 -17.96
N GLU A 146 -5.85 6.11 -17.00
CA GLU A 146 -4.91 5.03 -17.25
C GLU A 146 -5.59 3.74 -17.69
N GLY A 147 -6.91 3.66 -17.58
CA GLY A 147 -7.57 2.40 -17.85
C GLY A 147 -7.52 1.40 -16.72
N ASN A 148 -7.29 1.85 -15.49
CA ASN A 148 -7.29 0.97 -14.34
C ASN A 148 -8.66 1.01 -13.67
N GLU A 149 -8.87 0.06 -12.76
CA GLU A 149 -10.13 0.03 -12.02
C GLU A 149 -10.24 1.25 -11.12
N ILE A 150 -11.47 1.71 -10.89
CA ILE A 150 -11.69 3.02 -10.30
C ILE A 150 -12.45 2.86 -8.98
N PRO A 151 -11.85 3.22 -7.85
CA PRO A 151 -12.61 3.19 -6.58
C PRO A 151 -13.86 4.06 -6.67
N THR A 152 -14.89 3.69 -5.90
CA THR A 152 -16.20 4.33 -6.02
C THR A 152 -16.25 5.72 -5.39
N HIS A 153 -15.67 5.89 -4.20
CA HIS A 153 -15.89 7.08 -3.39
C HIS A 153 -14.64 7.95 -3.31
N SER A 154 -14.82 9.26 -3.40
CA SER A 154 -13.72 10.20 -3.33
C SER A 154 -13.41 10.59 -1.90
N LEU A 155 -12.13 10.64 -1.58
CA LEU A 155 -11.63 11.10 -0.29
C LEU A 155 -11.20 12.56 -0.43
N GLU A 156 -12.05 13.47 0.02
CA GLU A 156 -11.74 14.89 0.01
C GLU A 156 -10.82 15.23 1.18
N GLY A 157 -10.28 16.43 1.18
CA GLY A 157 -9.45 16.87 2.28
C GLY A 157 -8.00 16.46 2.22
N LEU A 158 -7.53 15.97 1.07
CA LEU A 158 -6.18 15.43 0.92
C LEU A 158 -5.44 16.05 -0.28
N SER A 159 -5.91 17.19 -0.79
CA SER A 159 -5.38 17.71 -2.04
C SER A 159 -4.13 18.56 -1.88
N SER A 160 -3.78 18.97 -0.66
N SER A 160 -3.78 18.95 -0.65
CA SER A 160 -2.60 19.79 -0.42
CA SER A 160 -2.62 19.79 -0.37
C SER A 160 -1.60 19.02 0.43
C SER A 160 -1.60 19.01 0.44
N SER A 161 -0.31 19.12 0.09
N SER A 161 -0.32 19.16 0.10
CA SER A 161 0.70 18.37 0.82
CA SER A 161 0.73 18.45 0.82
C SER A 161 0.67 18.75 2.30
C SER A 161 0.64 18.78 2.31
N GLY A 162 0.74 17.74 3.15
CA GLY A 162 0.61 17.92 4.57
C GLY A 162 -0.80 17.68 5.08
N ASP A 163 -1.78 17.52 4.18
CA ASP A 163 -3.15 17.25 4.58
C ASP A 163 -3.29 15.88 5.22
N ALA A 164 -4.17 15.79 6.21
CA ALA A 164 -4.48 14.53 6.87
C ALA A 164 -5.95 14.46 7.18
N VAL A 165 -6.51 13.25 7.10
CA VAL A 165 -7.91 13.01 7.45
C VAL A 165 -7.99 11.68 8.19
N ARG A 166 -8.99 11.55 9.06
CA ARG A 166 -9.23 10.28 9.72
C ARG A 166 -10.16 9.42 8.87
N PHE A 167 -9.92 8.11 8.91
CA PHE A 167 -10.74 7.15 8.17
C PHE A 167 -10.78 5.88 9.03
N GLY A 168 -11.86 5.68 9.77
CA GLY A 168 -11.91 4.55 10.67
C GLY A 168 -10.73 4.58 11.61
N PRO A 169 -10.03 3.45 11.73
CA PRO A 169 -8.92 3.36 12.68
C PRO A 169 -7.59 3.88 12.17
N VAL A 170 -7.57 4.58 11.04
CA VAL A 170 -6.31 5.12 10.52
C VAL A 170 -6.41 6.61 10.26
N GLU A 171 -5.24 7.20 10.06
CA GLU A 171 -5.10 8.52 9.49
C GLU A 171 -4.52 8.37 8.08
N LEU A 172 -5.11 9.07 7.13
CA LEU A 172 -4.59 9.17 5.78
C LEU A 172 -3.88 10.49 5.65
N PHE A 173 -2.70 10.46 5.02
CA PHE A 173 -1.81 11.62 4.92
C PHE A 173 -1.31 11.75 3.50
N TYR A 174 -1.40 12.96 2.94
CA TYR A 174 -0.87 13.23 1.62
C TYR A 174 0.45 13.96 1.79
N PRO A 175 1.59 13.32 1.52
CA PRO A 175 2.88 13.95 1.80
C PRO A 175 3.37 14.86 0.70
N GLY A 176 2.70 14.90 -0.44
CA GLY A 176 3.20 15.52 -1.65
C GLY A 176 3.64 14.46 -2.66
N ALA A 177 4.00 14.92 -3.84
CA ALA A 177 4.39 14.03 -4.92
C ALA A 177 5.65 13.27 -4.56
N ALA A 178 5.68 12.00 -4.93
CA ALA A 178 6.84 11.16 -4.64
C ALA A 178 6.90 10.09 -5.71
N HIS A 179 6.54 8.86 -5.35
CA HIS A 179 6.44 7.79 -6.33
C HIS A 179 5.40 8.11 -7.39
N SER A 180 4.32 8.78 -7.00
CA SER A 180 3.32 9.29 -7.92
C SER A 180 2.83 10.61 -7.34
N THR A 181 2.07 11.37 -8.14
N THR A 181 2.08 11.36 -8.15
CA THR A 181 1.61 12.66 -7.65
CA THR A 181 1.59 12.66 -7.69
C THR A 181 0.51 12.49 -6.61
C THR A 181 0.46 12.52 -6.67
N ASP A 182 -0.19 11.37 -6.63
CA ASP A 182 -1.37 11.17 -5.79
C ASP A 182 -1.10 10.28 -4.57
N ASN A 183 0.13 9.84 -4.35
CA ASN A 183 0.36 8.83 -3.34
C ASN A 183 0.00 9.28 -1.93
N LEU A 184 -0.70 8.40 -1.21
CA LEU A 184 -1.08 8.61 0.17
C LEU A 184 -0.32 7.67 1.08
N VAL A 185 -0.18 8.09 2.34
N VAL A 185 -0.12 8.08 2.32
CA VAL A 185 0.45 7.34 3.42
CA VAL A 185 0.42 7.18 3.32
C VAL A 185 -0.61 7.10 4.46
C VAL A 185 -0.62 7.05 4.42
N VAL A 186 -0.49 5.98 5.19
CA VAL A 186 -1.49 5.59 6.19
C VAL A 186 -0.80 5.36 7.51
N TYR A 187 -1.36 5.91 8.58
CA TYR A 187 -0.83 5.72 9.92
C TYR A 187 -1.89 5.07 10.80
N VAL A 188 -1.50 4.08 11.57
CA VAL A 188 -2.39 3.43 12.52
C VAL A 188 -1.98 3.91 13.90
N PRO A 189 -2.69 4.88 14.49
CA PRO A 189 -2.18 5.49 15.73
C PRO A 189 -2.15 4.52 16.90
N SER A 190 -3.07 3.56 16.96
CA SER A 190 -3.11 2.63 18.09
C SER A 190 -1.85 1.79 18.18
N ALA A 191 -1.16 1.60 17.07
CA ALA A 191 0.00 0.72 17.00
C ALA A 191 1.25 1.43 16.54
N ASN A 192 1.18 2.72 16.24
CA ASN A 192 2.31 3.47 15.66
C ASN A 192 2.89 2.76 14.45
N VAL A 193 2.00 2.29 13.59
CA VAL A 193 2.38 1.66 12.33
C VAL A 193 2.24 2.67 11.20
N LEU A 194 3.30 2.85 10.43
CA LEU A 194 3.31 3.76 9.29
C LEU A 194 3.38 2.91 8.04
N TYR A 195 2.34 2.94 7.25
CA TYR A 195 2.29 2.26 5.96
C TYR A 195 2.62 3.32 4.92
N GLY A 196 3.80 3.22 4.34
CA GLY A 196 4.24 4.24 3.41
C GLY A 196 3.77 4.05 1.98
N GLY A 197 3.25 2.87 1.66
CA GLY A 197 2.92 2.63 0.28
C GLY A 197 4.18 2.77 -0.58
N CYS A 198 3.97 3.03 -1.86
CA CYS A 198 5.09 3.02 -2.78
C CYS A 198 5.97 4.27 -2.67
N ALA A 199 5.59 5.25 -1.88
CA ALA A 199 6.46 6.37 -1.56
C ALA A 199 7.62 5.98 -0.66
N VAL A 200 7.59 4.78 -0.08
CA VAL A 200 8.61 4.32 0.84
C VAL A 200 9.15 2.98 0.33
N HIS A 201 10.47 2.88 0.25
CA HIS A 201 11.13 1.67 -0.21
C HIS A 201 11.76 0.92 0.95
N GLU A 202 11.93 -0.39 0.72
CA GLU A 202 12.55 -1.25 1.71
C GLU A 202 14.07 -0.99 1.77
N LEU A 203 14.67 -1.42 2.88
CA LEU A 203 16.09 -1.14 3.11
C LEU A 203 17.00 -1.77 2.07
N SER A 204 16.63 -2.90 1.49
CA SER A 204 17.50 -3.53 0.49
C SER A 204 17.43 -2.86 -0.87
N SER A 205 16.53 -1.90 -1.05
N SER A 205 16.56 -1.86 -1.02
CA SER A 205 16.35 -1.28 -2.35
CA SER A 205 16.37 -1.20 -2.30
C SER A 205 17.61 -0.54 -2.80
C SER A 205 17.66 -0.55 -2.79
N THR A 206 17.91 -0.66 -4.10
CA THR A 206 19.07 -0.08 -4.74
C THR A 206 18.70 1.00 -5.74
N SER A 207 17.42 1.20 -6.02
CA SER A 207 16.96 2.15 -7.01
C SER A 207 15.57 2.56 -6.56
N ALA A 208 15.02 3.57 -7.23
CA ALA A 208 13.71 4.07 -6.82
C ALA A 208 12.55 3.30 -7.43
N GLY A 209 12.76 2.04 -7.85
CA GLY A 209 11.62 1.24 -8.30
C GLY A 209 11.11 1.71 -9.65
N ASN A 210 9.80 1.62 -9.83
CA ASN A 210 9.18 2.07 -11.08
C ASN A 210 8.90 3.57 -10.98
N VAL A 211 9.71 4.37 -11.67
CA VAL A 211 9.70 5.82 -11.52
C VAL A 211 8.96 6.52 -12.64
N ALA A 212 8.24 5.78 -13.48
CA ALA A 212 7.63 6.39 -14.66
C ALA A 212 6.75 7.59 -14.30
N ASP A 213 6.00 7.48 -13.21
CA ASP A 213 5.05 8.51 -12.81
C ASP A 213 5.54 9.30 -11.60
N ALA A 214 6.82 9.18 -11.27
CA ALA A 214 7.38 9.76 -10.07
C ALA A 214 7.79 11.22 -10.27
N ASP A 215 8.00 11.89 -9.14
CA ASP A 215 8.62 13.22 -9.10
C ASP A 215 9.86 13.11 -8.22
N LEU A 216 11.01 12.83 -8.86
CA LEU A 216 12.23 12.55 -8.10
C LEU A 216 12.72 13.79 -7.36
N ALA A 217 12.49 14.98 -7.94
CA ALA A 217 12.92 16.22 -7.29
C ALA A 217 12.15 16.50 -6.01
N GLU A 218 10.85 16.21 -5.99
CA GLU A 218 9.99 16.49 -4.87
C GLU A 218 9.96 15.37 -3.84
N TRP A 219 10.26 14.13 -4.27
CA TRP A 219 10.17 12.97 -3.38
C TRP A 219 10.92 13.15 -2.07
N PRO A 220 12.18 13.59 -2.03
CA PRO A 220 12.82 13.77 -0.72
C PRO A 220 12.08 14.73 0.19
N THR A 221 11.55 15.84 -0.36
CA THR A 221 10.77 16.77 0.44
C THR A 221 9.51 16.10 0.98
N SER A 222 8.87 15.27 0.17
CA SER A 222 7.68 14.57 0.62
C SER A 222 8.01 13.57 1.72
N VAL A 223 9.13 12.86 1.59
CA VAL A 223 9.56 11.97 2.68
C VAL A 223 9.84 12.75 3.94
N GLU A 224 10.48 13.92 3.81
CA GLU A 224 10.73 14.75 4.99
C GLU A 224 9.42 15.12 5.67
N ARG A 225 8.37 15.37 4.89
CA ARG A 225 7.07 15.66 5.50
C ARG A 225 6.57 14.46 6.31
N ILE A 226 6.75 13.25 5.78
CA ILE A 226 6.35 12.07 6.52
C ILE A 226 7.14 11.97 7.82
N GLN A 227 8.47 12.15 7.74
CA GLN A 227 9.32 12.05 8.90
C GLN A 227 8.90 13.04 9.98
N LYS A 228 8.55 14.26 9.58
CA LYS A 228 8.16 15.28 10.54
C LYS A 228 6.79 15.00 11.14
N HIS A 229 5.90 14.39 10.37
CA HIS A 229 4.53 14.19 10.85
C HIS A 229 4.37 12.95 11.73
N TYR A 230 5.20 11.94 11.53
CA TYR A 230 5.08 10.65 12.21
C TYR A 230 6.39 10.24 12.88
N PRO A 231 6.90 11.08 13.79
CA PRO A 231 8.18 10.78 14.44
C PRO A 231 8.14 9.61 15.40
N GLU A 232 6.95 9.19 15.85
N GLU A 232 6.95 9.19 15.85
CA GLU A 232 6.82 8.10 16.81
CA GLU A 232 6.82 8.09 16.80
C GLU A 232 6.54 6.76 16.13
C GLU A 232 6.54 6.76 16.13
N ALA A 233 6.60 6.70 14.81
CA ALA A 233 6.35 5.44 14.11
C ALA A 233 7.33 4.37 14.59
N GLU A 234 6.81 3.19 14.88
CA GLU A 234 7.60 2.06 15.33
C GLU A 234 7.85 1.03 14.24
N VAL A 235 6.91 0.86 13.33
CA VAL A 235 7.06 -0.02 12.19
C VAL A 235 6.74 0.83 10.96
N VAL A 236 7.54 0.67 9.92
CA VAL A 236 7.33 1.33 8.63
C VAL A 236 7.23 0.23 7.59
N ILE A 237 6.13 0.21 6.85
CA ILE A 237 5.86 -0.80 5.85
C ILE A 237 5.99 -0.18 4.46
N PRO A 238 6.87 -0.68 3.60
CA PRO A 238 7.01 -0.12 2.25
C PRO A 238 5.95 -0.71 1.34
N GLY A 239 5.79 -0.08 0.17
CA GLY A 239 4.82 -0.59 -0.77
C GLY A 239 5.18 -1.96 -1.31
N HIS A 240 6.46 -2.25 -1.37
CA HIS A 240 7.00 -3.53 -1.82
C HIS A 240 8.18 -3.88 -0.92
N GLY A 241 8.21 -5.10 -0.39
CA GLY A 241 9.35 -5.57 0.38
C GLY A 241 9.15 -5.54 1.89
N LEU A 242 10.26 -5.65 2.60
CA LEU A 242 10.22 -5.96 4.02
C LEU A 242 9.95 -4.72 4.87
N PRO A 243 9.08 -4.84 5.88
CA PRO A 243 8.95 -3.76 6.87
C PRO A 243 10.23 -3.57 7.68
N GLY A 244 10.35 -2.39 8.27
CA GLY A 244 11.43 -2.10 9.20
C GLY A 244 11.01 -0.97 10.09
N GLY A 245 11.98 -0.16 10.51
CA GLY A 245 11.70 0.99 11.32
C GLY A 245 11.77 2.30 10.55
N LEU A 246 11.96 3.39 11.30
CA LEU A 246 11.99 4.71 10.68
C LEU A 246 13.10 4.86 9.64
N ASP A 247 14.15 4.02 9.71
CA ASP A 247 15.25 4.16 8.77
C ASP A 247 14.79 3.99 7.33
N LEU A 248 13.66 3.32 7.08
CA LEU A 248 13.21 3.16 5.71
C LEU A 248 12.96 4.53 5.06
N LEU A 249 12.55 5.52 5.86
CA LEU A 249 12.26 6.83 5.28
C LEU A 249 13.54 7.48 4.77
N GLN A 250 14.56 7.58 5.64
CA GLN A 250 15.82 8.16 5.19
C GLN A 250 16.44 7.37 4.05
N HIS A 251 16.38 6.03 4.12
CA HIS A 251 16.92 5.23 3.03
C HIS A 251 16.25 5.58 1.71
N THR A 252 14.93 5.70 1.75
CA THR A 252 14.19 6.06 0.54
C THR A 252 14.66 7.40 -0.02
N ALA A 253 14.76 8.41 0.84
CA ALA A 253 15.28 9.70 0.36
C ALA A 253 16.64 9.53 -0.27
N ASN A 254 17.51 8.73 0.34
CA ASN A 254 18.86 8.53 -0.17
C ASN A 254 18.85 7.88 -1.54
N VAL A 255 18.06 6.80 -1.72
CA VAL A 255 18.09 6.10 -3.01
C VAL A 255 17.46 6.96 -4.10
N VAL A 256 16.42 7.72 -3.75
CA VAL A 256 15.77 8.54 -4.76
C VAL A 256 16.70 9.65 -5.22
N LYS A 257 17.38 10.31 -4.27
CA LYS A 257 18.33 11.36 -4.61
C LYS A 257 19.44 10.83 -5.50
N ALA A 258 19.93 9.62 -5.20
CA ALA A 258 21.00 9.03 -5.99
C ALA A 258 20.51 8.67 -7.39
N HIS A 259 19.28 8.16 -7.48
CA HIS A 259 18.70 7.84 -8.77
C HIS A 259 18.56 9.09 -9.62
N LYS A 260 17.93 10.13 -9.06
CA LYS A 260 17.75 11.39 -9.78
C LYS A 260 19.06 11.87 -10.37
N ASN A 261 20.15 11.74 -9.62
CA ASN A 261 21.48 12.00 -10.16
C ASN A 261 21.86 10.90 -11.15
ZN ZN B . 2.91 2.82 -8.21
ZN ZN C . 4.18 0.26 -6.17
C10 XLZ D . 9.02 -1.89 -6.94
C11 XLZ D . 10.25 -2.28 -6.42
C12 XLZ D . 11.30 -2.55 -7.26
C15 XLZ D . 12.90 -0.52 -5.09
C18 XLZ D . 11.10 -2.41 -8.63
C13 XLZ D . 12.66 -2.98 -6.68
C01 XLZ D . 2.12 -1.57 -11.36
C02 XLZ D . 3.34 -0.73 -11.00
C03 XLZ D . 4.66 -1.56 -10.94
C04 XLZ D . 4.91 -2.61 -11.81
C05 XLZ D . 6.10 -3.33 -11.69
C06 XLZ D . 7.05 -3.00 -10.73
C07 XLZ D . 6.81 -1.94 -9.86
C08 XLZ D . 7.55 -1.36 -8.80
C09 XLZ D . 8.81 -1.74 -8.31
C20 XLZ D . 9.87 -2.02 -9.16
C21 XLZ D . 6.75 -0.30 -8.35
C22 XLZ D . 7.03 0.68 -7.22
C26 XLZ D . 5.62 -1.24 -9.98
C28 XLZ D . 3.17 0.62 -13.13
C29 XLZ D . 3.63 1.88 -13.49
C30 XLZ D . 3.47 2.63 -14.82
C31 XLZ D . 2.56 1.95 -15.83
C32 XLZ D . 2.59 2.66 -17.19
N25 XLZ D . 5.62 -0.27 -9.04
N27 XLZ D . 3.56 0.42 -11.87
N33 XLZ D . 1.93 1.89 -18.21
N34 XLZ D . 4.27 2.41 -12.46
N35 XLZ D . 4.24 1.53 -11.44
O16 XLZ D . 13.98 -0.75 -7.52
O17 XLZ D . 15.07 -1.93 -5.85
O23 XLZ D . 8.23 1.10 -7.14
O24 XLZ D . 6.08 1.09 -6.49
S14 XLZ D . 13.74 -1.54 -6.31
CL19 XLZ D . 12.44 -2.75 -9.73
H101 XLZ D . 8.19 -1.72 -6.26
H111 XLZ D . 10.38 -2.36 -5.34
H151 XLZ D . 13.40 0.45 -5.02
H153 XLZ D . 12.93 -1.01 -4.12
H152 XLZ D . 11.87 -0.38 -5.39
H132 XLZ D . 12.49 -3.53 -5.77
H131 XLZ D . 13.17 -3.62 -7.41
H011 XLZ D . 2.01 -2.39 -10.65
H012 XLZ D . 2.25 -1.96 -12.36
H013 XLZ D . 1.23 -0.94 -11.33
H021 XLZ D . 3.11 -0.36 -10.00
H041 XLZ D . 4.19 -2.88 -12.57
H051 XLZ D . 6.29 -4.15 -12.37
H061 XLZ D . 7.96 -3.57 -10.65
H201 XLZ D . 9.75 -1.93 -10.23
H281 XLZ D . 2.62 -0.07 -13.75
H302 XLZ D . 4.45 2.72 -15.27
H301 XLZ D . 3.08 3.62 -14.61
H311 XLZ D . 1.54 1.97 -15.45
H312 XLZ D . 2.86 0.92 -15.97
H322 XLZ D . 3.63 2.82 -17.48
H321 XLZ D . 2.10 3.63 -17.11
H251 XLZ D . 4.88 0.38 -8.89
H331 XLZ D . 1.83 0.94 -17.91
H332 XLZ D . 1.02 2.27 -18.39
#